data_3D5P
#
_entry.id   3D5P
#
_cell.length_a   57.058
_cell.length_b   69.508
_cell.length_c   75.093
_cell.angle_alpha   90.000
_cell.angle_beta   90.000
_cell.angle_gamma   90.000
#
_symmetry.space_group_name_H-M   'P 21 21 21'
#
loop_
_entity.id
_entity.type
_entity.pdbx_description
1 polymer 'putative glucan synthesis regulator of Smi1/Knr4 family'
2 non-polymer 'ACETATE ION'
3 non-polymer GLYCEROL
4 non-polymer DI(HYDROXYETHYL)ETHER
5 water water
#
_entity_poly.entity_id   1
_entity_poly.type   'polypeptide(L)'
_entity_poly.pdbx_seq_one_letter_code
;G(MSE)EVIESKWYKKDGASSASIDDVEKLLNTTLPKQYKSFLLWSNGGEGKLGDNYIYIWAIEDVIAYNHDYGIQKYLQ
KEYWAFG(MSE)DGDIGYILHLSDNSIYRVDLGDLDITSIKYIAPSFDDFLGKAIYLNFNKLQNVANNNLTT
;
_entity_poly.pdbx_strand_id   A,B
#
# COMPACT_ATOMS: atom_id res chain seq x y z
N GLY A 1 -11.82 20.14 6.86
CA GLY A 1 -13.07 19.53 6.27
C GLY A 1 -12.62 18.57 5.19
N GLU A 3 -11.65 16.72 1.77
N GLU A 3 -11.44 16.79 1.75
CA GLU A 3 -10.75 17.06 0.64
CA GLU A 3 -10.63 17.08 0.59
C GLU A 3 -10.64 15.91 -0.33
C GLU A 3 -10.69 15.91 -0.33
N VAL A 4 -10.72 16.20 -1.63
CA VAL A 4 -10.65 15.17 -2.64
C VAL A 4 -9.18 14.87 -2.94
N ILE A 5 -8.72 13.65 -2.68
CA ILE A 5 -7.34 13.29 -2.94
C ILE A 5 -7.39 12.39 -4.15
N GLU A 6 -6.70 12.78 -5.18
N GLU A 6 -7.05 12.97 -5.32
CA GLU A 6 -6.58 11.79 -6.15
CA GLU A 6 -7.12 12.31 -6.65
C GLU A 6 -5.25 11.19 -6.35
C GLU A 6 -5.76 11.71 -7.06
N SER A 7 -5.36 10.24 -7.21
N SER A 7 -5.72 10.37 -7.21
CA SER A 7 -4.22 9.65 -7.67
CA SER A 7 -4.47 9.58 -7.45
C SER A 7 -4.59 9.08 -9.02
C SER A 7 -4.51 8.63 -8.70
N LYS A 8 -3.57 8.99 -9.86
N LYS A 8 -3.57 8.87 -9.62
CA LYS A 8 -3.74 8.41 -11.16
CA LYS A 8 -3.70 8.43 -11.01
C LYS A 8 -2.52 7.65 -11.50
C LYS A 8 -2.50 7.64 -11.44
N TRP A 9 -2.77 6.52 -12.10
CA TRP A 9 -1.72 5.68 -12.73
C TRP A 9 -2.03 5.56 -14.20
N TYR A 10 -1.08 5.93 -15.05
CA TYR A 10 -1.19 5.79 -16.49
C TYR A 10 -0.61 4.43 -16.80
N LYS A 11 -1.51 3.49 -16.87
CA LYS A 11 -1.22 2.05 -16.92
C LYS A 11 -0.83 1.62 -18.33
N LYS A 12 0.24 0.83 -18.44
CA LYS A 12 0.66 0.23 -19.71
C LYS A 12 0.16 -1.21 -19.71
N ASP A 13 0.21 -1.82 -20.90
CA ASP A 13 -0.07 -3.23 -20.98
C ASP A 13 0.89 -3.95 -20.03
N GLY A 14 0.38 -5.02 -19.46
CA GLY A 14 1.19 -5.86 -18.59
C GLY A 14 2.35 -6.50 -19.28
N ALA A 15 3.37 -6.73 -18.46
CA ALA A 15 4.56 -7.45 -18.89
C ALA A 15 4.29 -8.94 -19.17
N SER A 16 4.92 -9.48 -20.19
CA SER A 16 4.85 -10.93 -20.35
C SER A 16 5.61 -11.59 -19.21
N SER A 17 5.11 -12.73 -18.75
CA SER A 17 5.83 -13.46 -17.73
C SER A 17 7.21 -13.81 -18.26
N ALA A 18 7.32 -14.08 -19.55
CA ALA A 18 8.59 -14.48 -20.11
C ALA A 18 9.61 -13.37 -19.99
N SER A 19 9.14 -12.13 -20.14
CA SER A 19 10.04 -10.97 -20.14
C SER A 19 10.61 -10.78 -18.71
N ILE A 20 9.81 -11.15 -17.72
CA ILE A 20 10.23 -11.01 -16.32
C ILE A 20 11.22 -12.12 -16.03
N ASP A 21 10.90 -13.30 -16.53
N ASP A 21 10.88 -13.30 -16.53
CA ASP A 21 11.74 -14.45 -16.33
CA ASP A 21 11.73 -14.48 -16.40
C ASP A 21 13.11 -14.22 -16.98
C ASP A 21 13.10 -14.21 -16.97
N ASP A 22 13.11 -13.54 -18.12
CA ASP A 22 14.37 -13.26 -18.83
C ASP A 22 15.29 -12.43 -17.96
N VAL A 23 14.70 -11.48 -17.23
CA VAL A 23 15.50 -10.61 -16.38
C VAL A 23 16.01 -11.36 -15.17
N GLU A 24 15.16 -12.20 -14.59
CA GLU A 24 15.57 -13.02 -13.45
C GLU A 24 16.71 -13.95 -13.85
N LYS A 25 16.64 -14.46 -15.07
CA LYS A 25 17.70 -15.36 -15.54
C LYS A 25 18.99 -14.60 -15.67
N LEU A 26 18.92 -13.41 -16.25
CA LEU A 26 20.09 -12.57 -16.45
C LEU A 26 20.71 -12.14 -15.12
N LEU A 27 19.88 -11.97 -14.11
CA LEU A 27 20.36 -11.49 -12.80
C LEU A 27 20.72 -12.66 -11.91
N ASN A 28 20.33 -13.85 -12.36
CA ASN A 28 20.51 -15.05 -11.58
C ASN A 28 19.97 -14.88 -10.18
N THR A 29 18.80 -14.29 -10.11
CA THR A 29 18.15 -14.01 -8.83
C THR A 29 16.66 -13.90 -9.07
N THR A 30 15.86 -13.95 -8.01
CA THR A 30 14.42 -13.72 -8.15
C THR A 30 14.10 -12.30 -7.73
N LEU A 31 13.20 -11.72 -8.49
CA LEU A 31 12.70 -10.38 -8.13
C LEU A 31 11.62 -10.46 -7.06
N PRO A 32 11.40 -9.38 -6.30
CA PRO A 32 10.33 -9.42 -5.32
C PRO A 32 8.97 -9.69 -5.95
N LYS A 33 8.18 -10.51 -5.28
N LYS A 33 8.20 -10.52 -5.26
CA LYS A 33 6.92 -10.97 -5.82
CA LYS A 33 6.91 -10.98 -5.76
C LYS A 33 5.94 -9.85 -6.10
C LYS A 33 5.94 -9.86 -6.08
N GLN A 34 5.88 -8.86 -5.20
CA GLN A 34 4.91 -7.79 -5.37
C GLN A 34 5.26 -6.89 -6.56
N TYR A 35 6.55 -6.71 -6.75
CA TYR A 35 7.04 -5.94 -7.90
C TYR A 35 6.65 -6.66 -9.19
N LYS A 36 6.86 -7.97 -9.24
CA LYS A 36 6.49 -8.77 -10.40
C LYS A 36 4.97 -8.70 -10.66
N SER A 37 4.19 -8.77 -9.60
N SER A 37 4.18 -8.78 -9.60
CA SER A 37 2.74 -8.74 -9.74
CA SER A 37 2.73 -8.74 -9.77
C SER A 37 2.33 -7.42 -10.37
C SER A 37 2.32 -7.40 -10.36
N PHE A 38 3.00 -6.34 -9.96
CA PHE A 38 2.68 -4.99 -10.49
C PHE A 38 3.05 -4.94 -11.97
N LEU A 39 4.23 -5.46 -12.29
CA LEU A 39 4.66 -5.47 -13.71
C LEU A 39 3.72 -6.27 -14.60
N LEU A 40 3.21 -7.38 -14.07
CA LEU A 40 2.26 -8.20 -14.83
C LEU A 40 0.98 -7.44 -15.15
N TRP A 41 0.71 -6.43 -14.32
CA TRP A 41 -0.44 -5.56 -14.52
C TRP A 41 -0.12 -4.39 -15.43
N SER A 42 1.00 -3.75 -15.16
CA SER A 42 1.45 -2.57 -15.92
C SER A 42 2.95 -2.66 -16.10
N ASN A 43 3.41 -2.82 -17.34
CA ASN A 43 4.84 -2.99 -17.59
C ASN A 43 5.54 -1.64 -17.61
N GLY A 44 5.69 -1.10 -16.42
N GLY A 44 5.69 -1.09 -16.41
CA GLY A 44 6.09 0.27 -16.25
CA GLY A 44 6.15 0.28 -16.24
C GLY A 44 4.88 1.16 -16.42
C GLY A 44 4.99 1.24 -16.03
N GLY A 45 5.15 2.43 -16.56
CA GLY A 45 4.08 3.45 -16.55
C GLY A 45 4.52 4.52 -15.60
N GLU A 46 3.63 5.47 -15.40
CA GLU A 46 3.92 6.57 -14.49
C GLU A 46 2.64 7.05 -13.92
N GLY A 47 2.74 7.79 -12.84
CA GLY A 47 1.54 8.32 -12.21
C GLY A 47 1.84 9.34 -11.15
N LYS A 48 0.76 9.89 -10.62
CA LYS A 48 0.84 10.82 -9.50
C LYS A 48 0.00 10.20 -8.40
N LEU A 49 0.67 9.68 -7.37
CA LEU A 49 0.02 8.98 -6.25
C LEU A 49 0.09 9.94 -5.09
N GLY A 50 -1.06 10.46 -4.69
CA GLY A 50 -1.00 11.58 -3.78
C GLY A 50 -0.20 12.71 -4.35
N ASP A 51 0.76 13.19 -3.59
CA ASP A 51 1.63 14.29 -4.02
C ASP A 51 2.87 13.79 -4.74
N ASN A 52 2.97 12.49 -4.94
CA ASN A 52 4.19 11.87 -5.45
C ASN A 52 4.17 11.50 -6.92
N TYR A 53 5.03 12.12 -7.73
CA TYR A 53 5.24 11.68 -9.10
C TYR A 53 6.18 10.52 -9.11
N ILE A 54 5.76 9.44 -9.74
CA ILE A 54 6.51 8.23 -9.77
C ILE A 54 6.53 7.70 -11.21
N TYR A 55 7.72 7.41 -11.75
CA TYR A 55 7.92 6.92 -13.09
C TYR A 55 8.60 5.53 -12.93
N ILE A 56 7.91 4.45 -13.34
CA ILE A 56 8.40 3.08 -13.20
C ILE A 56 8.80 2.54 -14.58
N TRP A 57 9.95 1.89 -14.64
CA TRP A 57 10.51 1.35 -15.89
C TRP A 57 9.88 0.04 -16.31
N ALA A 58 9.78 -0.12 -17.62
CA ALA A 58 9.43 -1.41 -18.20
C ALA A 58 10.54 -2.41 -17.88
N ILE A 59 10.15 -3.67 -17.71
CA ILE A 59 11.08 -4.69 -17.25
C ILE A 59 12.26 -4.86 -18.21
N GLU A 60 11.97 -4.68 -19.50
N GLU A 60 12.00 -4.69 -19.50
CA GLU A 60 12.97 -4.84 -20.57
CA GLU A 60 13.04 -4.88 -20.52
C GLU A 60 14.05 -3.76 -20.51
C GLU A 60 14.05 -3.75 -20.52
N ASP A 61 13.79 -2.71 -19.73
CA ASP A 61 14.70 -1.54 -19.63
C ASP A 61 15.47 -1.47 -18.31
N VAL A 62 15.07 -2.28 -17.34
CA VAL A 62 15.60 -2.15 -15.98
C VAL A 62 17.09 -2.39 -15.89
N ILE A 63 17.59 -3.41 -16.59
CA ILE A 63 19.04 -3.66 -16.52
C ILE A 63 19.84 -2.49 -17.11
N ALA A 64 19.42 -1.97 -18.25
CA ALA A 64 20.11 -0.85 -18.88
C ALA A 64 20.07 0.40 -18.03
N TYR A 65 18.92 0.70 -17.42
CA TYR A 65 18.86 1.86 -16.54
C TYR A 65 19.77 1.70 -15.34
N ASN A 66 19.76 0.54 -14.73
CA ASN A 66 20.63 0.29 -13.55
C ASN A 66 22.08 0.47 -13.92
N HIS A 67 22.45 0.00 -15.12
CA HIS A 67 23.84 0.17 -15.55
C HIS A 67 24.15 1.65 -15.78
N ASP A 68 23.22 2.37 -16.42
CA ASP A 68 23.51 3.76 -16.78
C ASP A 68 23.62 4.64 -15.51
N TYR A 69 22.82 4.36 -14.48
CA TYR A 69 22.82 5.19 -13.26
C TYR A 69 23.88 4.72 -12.26
N GLY A 70 24.47 3.57 -12.55
CA GLY A 70 25.53 3.03 -11.71
C GLY A 70 25.04 2.53 -10.38
N ILE A 71 23.87 1.96 -10.37
CA ILE A 71 23.22 1.63 -9.09
C ILE A 71 24.03 0.58 -8.32
N GLN A 72 24.43 -0.45 -9.02
CA GLN A 72 25.14 -1.58 -8.36
C GLN A 72 26.59 -1.18 -8.08
N LYS A 73 27.11 -0.33 -8.93
CA LYS A 73 28.47 0.20 -8.74
C LYS A 73 28.59 0.96 -7.45
N TYR A 74 27.58 1.77 -7.15
CA TYR A 74 27.65 2.68 -6.01
C TYR A 74 26.99 2.11 -4.78
N LEU A 75 26.01 1.25 -4.97
CA LEU A 75 25.28 0.74 -3.82
C LEU A 75 25.87 -0.57 -3.57
N GLN A 76 25.09 -1.60 -3.86
CA GLN A 76 25.49 -3.02 -3.78
C GLN A 76 24.75 -3.86 -4.82
N LYS A 77 25.26 -5.02 -5.16
CA LYS A 77 24.56 -5.97 -6.05
C LYS A 77 23.11 -6.33 -5.64
N GLU A 78 22.79 -6.10 -4.38
CA GLU A 78 21.49 -6.53 -3.83
C GLU A 78 20.41 -5.46 -4.05
N TYR A 79 20.83 -4.31 -4.51
CA TYR A 79 19.91 -3.16 -4.65
C TYR A 79 19.71 -2.90 -6.13
N TRP A 80 18.45 -2.78 -6.53
CA TRP A 80 18.10 -2.57 -7.94
C TRP A 80 17.03 -1.47 -8.05
N ALA A 81 17.33 -0.48 -8.89
CA ALA A 81 16.40 0.62 -9.16
C ALA A 81 15.30 0.12 -10.08
N PHE A 82 14.10 0.58 -9.80
CA PHE A 82 12.94 0.21 -10.62
C PHE A 82 12.20 1.41 -11.16
N GLY A 83 12.60 2.60 -10.73
CA GLY A 83 11.90 3.83 -11.11
C GLY A 83 12.57 5.04 -10.52
N ASP A 85 11.99 9.68 -9.77
CA ASP A 85 11.30 10.96 -9.87
C ASP A 85 12.35 12.07 -9.96
N GLY A 86 12.77 12.39 -11.19
CA GLY A 86 13.86 13.33 -11.37
C GLY A 86 15.16 12.85 -10.75
N ASP A 87 15.68 13.66 -9.83
CA ASP A 87 16.94 13.31 -9.14
C ASP A 87 16.78 12.04 -8.26
N ILE A 88 15.54 11.69 -7.89
CA ILE A 88 15.29 10.63 -6.92
C ILE A 88 15.14 9.29 -7.62
N GLY A 89 15.84 8.31 -7.09
CA GLY A 89 15.71 6.96 -7.55
C GLY A 89 14.94 6.15 -6.54
N TYR A 90 14.07 5.28 -7.04
CA TYR A 90 13.34 4.30 -6.24
C TYR A 90 13.98 2.92 -6.46
N ILE A 91 14.39 2.34 -5.34
CA ILE A 91 15.22 1.15 -5.32
C ILE A 91 14.55 0.05 -4.49
N LEU A 92 14.73 -1.18 -4.94
CA LEU A 92 14.33 -2.35 -4.16
C LEU A 92 15.55 -3.13 -3.70
N HIS A 93 15.38 -3.78 -2.55
CA HIS A 93 16.42 -4.62 -1.99
C HIS A 93 15.98 -6.05 -2.24
N LEU A 94 16.77 -6.78 -3.00
CA LEU A 94 16.37 -8.11 -3.46
C LEU A 94 16.27 -9.08 -2.27
N SER A 95 16.95 -8.75 -1.19
CA SER A 95 17.11 -9.75 -0.12
C SER A 95 15.93 -9.72 0.83
N ASP A 96 15.25 -8.60 0.89
CA ASP A 96 14.17 -8.49 1.83
C ASP A 96 12.96 -7.74 1.29
N ASN A 97 12.97 -7.43 0.01
CA ASN A 97 11.82 -6.84 -0.67
C ASN A 97 11.55 -5.38 -0.38
N SER A 98 12.35 -4.78 0.49
CA SER A 98 12.13 -3.38 0.93
C SER A 98 12.42 -2.39 -0.19
N ILE A 99 11.87 -1.21 0.04
CA ILE A 99 11.91 -0.11 -0.89
C ILE A 99 12.59 1.12 -0.29
N TYR A 100 13.46 1.72 -1.09
CA TYR A 100 14.30 2.85 -0.67
C TYR A 100 14.26 3.96 -1.69
N ARG A 101 14.60 5.13 -1.16
N ARG A 101 14.52 5.17 -1.19
CA ARG A 101 14.84 6.33 -1.95
CA ARG A 101 14.78 6.33 -2.05
C ARG A 101 16.30 6.69 -1.94
C ARG A 101 16.25 6.74 -1.94
N VAL A 102 16.79 7.13 -3.08
CA VAL A 102 18.17 7.61 -3.17
C VAL A 102 18.23 8.85 -4.07
N ASP A 103 19.28 9.62 -3.91
CA ASP A 103 19.60 10.67 -4.87
C ASP A 103 20.52 10.10 -5.92
N LEU A 104 20.02 10.01 -7.15
CA LEU A 104 20.73 9.38 -8.26
C LEU A 104 22.04 10.12 -8.56
N GLY A 105 22.08 11.34 -8.09
CA GLY A 105 23.25 12.22 -8.33
C GLY A 105 24.25 12.19 -7.19
N ASP A 106 23.93 11.42 -6.17
CA ASP A 106 24.81 11.27 -5.01
C ASP A 106 24.57 9.95 -4.34
N LEU A 107 24.84 8.89 -5.09
CA LEU A 107 24.65 7.52 -4.65
C LEU A 107 25.68 7.11 -3.62
N ASP A 108 25.18 6.57 -2.52
CA ASP A 108 26.01 6.16 -1.39
C ASP A 108 25.26 5.22 -0.48
N ILE A 109 25.86 4.09 -0.23
CA ILE A 109 25.18 3.06 0.51
C ILE A 109 24.71 3.64 1.84
N THR A 110 25.43 4.65 2.33
CA THR A 110 25.20 5.11 3.71
C THR A 110 24.03 6.07 3.79
N SER A 111 23.52 6.45 2.64
CA SER A 111 22.51 7.51 2.58
C SER A 111 21.21 7.07 1.90
N ILE A 112 21.11 5.77 1.65
CA ILE A 112 19.85 5.24 1.11
C ILE A 112 18.80 5.44 2.20
N LYS A 113 17.58 5.76 1.81
CA LYS A 113 16.52 6.05 2.77
C LYS A 113 15.38 5.05 2.64
N TYR A 114 15.12 4.34 3.73
CA TYR A 114 14.08 3.33 3.75
C TYR A 114 12.74 3.98 3.74
N ILE A 115 11.87 3.51 2.84
CA ILE A 115 10.52 4.05 2.82
C ILE A 115 9.43 3.02 3.05
N ALA A 116 9.64 1.77 2.74
CA ALA A 116 8.59 0.74 2.87
C ALA A 116 9.11 -0.68 2.90
N PRO A 117 8.33 -1.60 3.49
CA PRO A 117 8.87 -2.96 3.52
C PRO A 117 8.59 -3.78 2.27
N SER A 118 7.79 -3.24 1.39
CA SER A 118 7.51 -3.91 0.14
C SER A 118 6.92 -2.96 -0.85
N PHE A 119 6.86 -3.43 -2.08
CA PHE A 119 6.36 -2.62 -3.18
C PHE A 119 4.88 -2.16 -3.00
N ASP A 120 3.99 -3.07 -2.61
CA ASP A 120 2.58 -2.68 -2.50
C ASP A 120 2.44 -1.68 -1.35
N ASP A 121 3.21 -1.90 -0.29
CA ASP A 121 3.20 -1.01 0.88
C ASP A 121 3.61 0.40 0.45
N PHE A 122 4.68 0.46 -0.33
CA PHE A 122 5.14 1.73 -0.94
C PHE A 122 4.02 2.42 -1.71
N LEU A 123 3.32 1.66 -2.55
CA LEU A 123 2.23 2.25 -3.33
C LEU A 123 1.12 2.79 -2.47
N GLY A 124 0.81 2.10 -1.39
CA GLY A 124 -0.24 2.55 -0.49
C GLY A 124 0.15 3.80 0.26
N LYS A 125 1.35 3.79 0.84
CA LYS A 125 1.87 4.96 1.50
C LYS A 125 1.77 6.21 0.60
N ALA A 126 2.03 6.00 -0.68
CA ALA A 126 2.20 7.15 -1.58
C ALA A 126 0.92 7.98 -1.63
N ILE A 127 -0.20 7.33 -1.36
N ILE A 127 -0.22 7.37 -1.43
CA ILE A 127 -1.51 7.98 -1.48
CA ILE A 127 -1.48 8.15 -1.59
C ILE A 127 -1.69 9.06 -0.44
C ILE A 127 -1.60 9.19 -0.46
N TYR A 128 -1.00 8.92 0.69
CA TYR A 128 -1.19 9.83 1.85
C TYR A 128 0.03 10.40 2.52
N LEU A 129 1.18 10.01 1.99
N LEU A 129 1.18 9.93 2.05
N LEU A 129 1.19 9.95 2.06
CA LEU A 129 2.47 10.43 2.51
CA LEU A 129 2.46 10.40 2.53
CA LEU A 129 2.46 10.49 2.52
C LEU A 129 3.37 10.97 1.41
C LEU A 129 3.16 11.07 1.34
C LEU A 129 3.24 11.03 1.36
N ASN A 130 3.77 12.22 1.56
CA ASN A 130 4.61 12.88 0.55
C ASN A 130 6.04 12.51 0.85
N PHE A 131 6.65 11.71 -0.02
CA PHE A 131 7.96 11.16 0.23
C PHE A 131 9.05 12.23 0.21
N ASN A 132 8.76 13.40 -0.33
CA ASN A 132 9.74 14.54 -0.40
C ASN A 132 9.69 15.20 0.94
N LYS A 133 8.84 14.57 1.74
CA LYS A 133 8.50 14.96 3.10
C LYS A 133 8.14 16.44 3.22
N GLY B 1 -3.26 -0.96 -24.72
CA GLY B 1 -2.59 0.41 -24.76
C GLY B 1 -2.70 1.06 -23.41
N GLU B 3 -4.01 3.10 -20.26
CA GLU B 3 -5.32 3.26 -19.61
C GLU B 3 -5.11 4.15 -18.39
N VAL B 4 -6.03 5.10 -18.21
CA VAL B 4 -5.99 5.96 -17.04
C VAL B 4 -6.70 5.27 -15.89
N ILE B 5 -5.97 4.99 -14.84
CA ILE B 5 -6.49 4.30 -13.67
C ILE B 5 -6.57 5.33 -12.55
N GLU B 6 -7.64 5.28 -11.80
N GLU B 6 -7.79 5.84 -12.38
CA GLU B 6 -7.75 6.22 -10.69
CA GLU B 6 -8.05 6.97 -11.48
C GLU B 6 -7.85 5.55 -9.34
C GLU B 6 -8.67 6.53 -10.15
N SER B 7 -7.29 6.23 -8.33
N SER B 7 -8.00 6.87 -9.05
CA SER B 7 -7.58 5.98 -6.93
CA SER B 7 -8.45 6.56 -7.68
C SER B 7 -7.96 7.29 -6.27
C SER B 7 -8.70 7.85 -6.96
N LYS B 8 -9.21 7.39 -5.81
N LYS B 8 -9.72 7.86 -6.12
CA LYS B 8 -9.71 8.63 -5.25
CA LYS B 8 -10.05 9.03 -5.31
C LYS B 8 -10.10 8.39 -3.83
C LYS B 8 -10.33 8.60 -3.92
N TRP B 9 -9.73 9.33 -2.99
CA TRP B 9 -10.06 9.21 -1.57
C TRP B 9 -10.69 10.53 -1.14
N TYR B 10 -11.85 10.46 -0.53
CA TYR B 10 -12.57 11.62 0.00
C TYR B 10 -12.15 11.70 1.48
N LYS B 11 -11.10 12.48 1.67
CA LYS B 11 -10.36 12.55 2.90
C LYS B 11 -11.06 13.38 3.93
N LYS B 12 -11.12 12.85 5.15
CA LYS B 12 -11.63 13.57 6.32
C LYS B 12 -10.50 14.18 7.09
N ASP B 13 -10.85 15.08 8.00
CA ASP B 13 -9.83 15.54 8.92
C ASP B 13 -9.26 14.38 9.67
N GLY B 14 -8.03 14.54 10.11
CA GLY B 14 -7.35 13.50 10.83
C GLY B 14 -7.89 13.28 12.22
N ALA B 15 -7.62 12.09 12.75
CA ALA B 15 -8.03 11.71 14.12
C ALA B 15 -7.21 12.43 15.18
N SER B 16 -7.91 12.89 16.21
CA SER B 16 -7.23 13.50 17.33
C SER B 16 -6.50 12.52 18.20
N SER B 17 -5.50 13.04 18.89
N SER B 17 -5.50 13.04 18.92
CA SER B 17 -4.76 12.24 19.86
CA SER B 17 -4.76 12.22 19.87
C SER B 17 -5.68 11.56 20.86
C SER B 17 -5.65 11.56 20.89
N ALA B 18 -6.63 12.31 21.36
CA ALA B 18 -7.55 11.78 22.37
C ALA B 18 -8.36 10.60 21.83
N SER B 19 -8.77 10.73 20.58
N SER B 19 -8.79 10.72 20.59
CA SER B 19 -9.65 9.75 19.93
CA SER B 19 -9.63 9.69 19.99
C SER B 19 -8.95 8.41 19.79
C SER B 19 -8.89 8.38 19.94
N ILE B 20 -7.66 8.47 19.48
CA ILE B 20 -6.84 7.22 19.35
C ILE B 20 -6.60 6.62 20.74
N ASP B 21 -6.25 7.45 21.69
CA ASP B 21 -5.96 6.99 23.05
C ASP B 21 -7.20 6.33 23.63
N ASP B 22 -8.35 6.90 23.34
N ASP B 22 -8.35 6.88 23.34
CA ASP B 22 -9.60 6.39 23.88
CA ASP B 22 -9.57 6.38 23.95
C ASP B 22 -9.79 4.93 23.43
C ASP B 22 -9.90 4.98 23.43
N VAL B 23 -9.69 4.69 22.12
N VAL B 23 -9.60 4.72 22.16
CA VAL B 23 -9.95 3.35 21.65
CA VAL B 23 -9.87 3.40 21.64
C VAL B 23 -8.86 2.37 22.12
C VAL B 23 -8.87 2.40 22.17
N GLU B 24 -7.61 2.80 22.19
CA GLU B 24 -6.55 1.90 22.67
C GLU B 24 -6.79 1.53 24.14
N LYS B 25 -7.29 2.48 24.90
CA LYS B 25 -7.58 2.23 26.32
C LYS B 25 -8.70 1.21 26.43
N LEU B 26 -9.74 1.36 25.60
CA LEU B 26 -10.91 0.49 25.66
C LEU B 26 -10.57 -0.90 25.21
N LEU B 27 -9.74 -1.01 24.19
N LEU B 27 -9.72 -1.02 24.20
CA LEU B 27 -9.33 -2.31 23.65
CA LEU B 27 -9.30 -2.33 23.65
C LEU B 27 -8.33 -2.97 24.59
C LEU B 27 -8.10 -2.88 24.40
N ASN B 28 -7.69 -2.12 25.41
CA ASN B 28 -6.54 -2.50 26.22
C ASN B 28 -5.39 -3.07 25.41
N THR B 29 -5.18 -2.50 24.23
CA THR B 29 -4.04 -2.84 23.38
C THR B 29 -3.82 -1.75 22.36
N THR B 30 -2.72 -1.88 21.63
N THR B 30 -2.76 -1.92 21.57
CA THR B 30 -2.36 -0.90 20.59
CA THR B 30 -2.32 -0.91 20.63
C THR B 30 -3.08 -1.22 19.26
C THR B 30 -2.81 -1.18 19.19
N LEU B 31 -3.31 -0.15 18.52
CA LEU B 31 -3.72 -0.31 17.13
C LEU B 31 -2.50 -0.56 16.26
N PRO B 32 -2.70 -1.31 15.16
CA PRO B 32 -1.59 -1.43 14.20
C PRO B 32 -1.11 -0.07 13.74
N LYS B 33 0.19 0.02 13.62
CA LYS B 33 0.84 1.28 13.37
C LYS B 33 0.38 1.94 12.08
N GLN B 34 0.24 1.18 11.01
CA GLN B 34 -0.11 1.79 9.73
C GLN B 34 -1.57 2.21 9.70
N TYR B 35 -2.42 1.49 10.38
CA TYR B 35 -3.85 1.83 10.45
C TYR B 35 -3.92 3.18 11.21
N LYS B 36 -3.20 3.27 12.31
N LYS B 36 -3.19 3.30 12.31
CA LYS B 36 -3.19 4.49 13.11
CA LYS B 36 -3.16 4.56 13.05
C LYS B 36 -2.67 5.68 12.28
C LYS B 36 -2.60 5.72 12.19
N SER B 37 -1.62 5.44 11.52
N SER B 37 -1.53 5.49 11.46
CA SER B 37 -1.02 6.48 10.69
CA SER B 37 -0.99 6.56 10.63
C SER B 37 -2.03 6.99 9.65
C SER B 37 -2.04 7.02 9.63
N PHE B 38 -2.78 6.08 9.07
CA PHE B 38 -3.81 6.47 8.11
C PHE B 38 -4.87 7.32 8.81
N LEU B 39 -5.33 6.85 9.96
CA LEU B 39 -6.37 7.60 10.72
C LEU B 39 -5.93 9.02 11.09
N LEU B 40 -4.67 9.14 11.46
CA LEU B 40 -4.11 10.48 11.78
C LEU B 40 -4.16 11.41 10.59
N TRP B 41 -4.16 10.86 9.37
CA TRP B 41 -4.29 11.62 8.14
C TRP B 41 -5.77 11.87 7.81
N SER B 42 -6.55 10.79 7.81
CA SER B 42 -7.99 10.83 7.47
C SER B 42 -8.75 9.94 8.45
N ASN B 43 -9.51 10.54 9.36
CA ASN B 43 -10.23 9.77 10.38
C ASN B 43 -11.49 9.15 9.78
N GLY B 44 -11.25 8.05 9.05
N GLY B 44 -11.22 8.11 9.00
CA GLY B 44 -12.29 7.42 8.22
CA GLY B 44 -12.27 7.47 8.20
C GLY B 44 -12.22 7.97 6.81
C GLY B 44 -12.37 8.27 6.93
N GLY B 45 -13.36 7.90 6.14
CA GLY B 45 -13.53 8.51 4.83
C GLY B 45 -13.93 7.37 3.93
N GLU B 46 -14.01 7.66 2.65
CA GLU B 46 -14.40 6.65 1.66
C GLU B 46 -13.81 6.99 0.35
N GLY B 47 -13.71 6.02 -0.51
CA GLY B 47 -13.17 6.29 -1.84
C GLY B 47 -13.32 5.11 -2.75
N LYS B 48 -12.75 5.29 -3.92
CA LYS B 48 -12.71 4.26 -4.98
C LYS B 48 -11.26 4.12 -5.38
N LEU B 49 -10.66 3.03 -4.91
CA LEU B 49 -9.26 2.77 -5.15
C LEU B 49 -9.24 1.70 -6.21
N GLY B 50 -8.80 2.05 -7.41
CA GLY B 50 -9.01 1.17 -8.54
C GLY B 50 -10.47 0.87 -8.71
N ASP B 51 -10.77 -0.43 -8.79
CA ASP B 51 -12.14 -0.91 -8.91
C ASP B 51 -12.85 -1.10 -7.58
N ASN B 52 -12.17 -0.77 -6.51
CA ASN B 52 -12.67 -1.10 -5.17
C ASN B 52 -13.30 0.09 -4.45
N TYR B 53 -14.59 -0.04 -4.16
CA TYR B 53 -15.22 0.93 -3.24
C TYR B 53 -14.94 0.56 -1.80
N ILE B 54 -14.39 1.47 -1.05
CA ILE B 54 -14.02 1.20 0.33
C ILE B 54 -14.50 2.34 1.21
N TYR B 55 -15.16 1.98 2.28
CA TYR B 55 -15.72 2.92 3.25
C TYR B 55 -15.06 2.58 4.59
N ILE B 56 -14.28 3.54 5.12
CA ILE B 56 -13.50 3.33 6.37
C ILE B 56 -14.16 4.17 7.46
N TRP B 57 -14.29 3.56 8.63
CA TRP B 57 -14.98 4.20 9.74
C TRP B 57 -14.08 5.13 10.53
N ALA B 58 -14.69 6.18 11.03
CA ALA B 58 -14.01 7.05 12.01
C ALA B 58 -13.70 6.23 13.23
N ILE B 59 -12.57 6.51 13.89
CA ILE B 59 -12.14 5.71 15.01
C ILE B 59 -13.14 5.74 16.17
N GLU B 60 -13.82 6.85 16.35
CA GLU B 60 -14.87 6.99 17.39
C GLU B 60 -16.05 6.06 17.18
N ASP B 61 -16.18 5.50 15.98
CA ASP B 61 -17.32 4.64 15.66
C ASP B 61 -16.96 3.15 15.59
N VAL B 62 -15.67 2.83 15.57
CA VAL B 62 -15.23 1.45 15.33
C VAL B 62 -15.78 0.46 16.36
N ILE B 63 -15.73 0.83 17.64
CA ILE B 63 -16.17 -0.12 18.65
C ILE B 63 -17.66 -0.43 18.45
N ALA B 64 -18.45 0.61 18.25
CA ALA B 64 -19.89 0.43 18.06
C ALA B 64 -20.19 -0.40 16.80
N TYR B 65 -19.50 -0.13 15.69
CA TYR B 65 -19.76 -0.95 14.47
C TYR B 65 -19.41 -2.40 14.73
N ASN B 66 -18.26 -2.63 15.38
CA ASN B 66 -17.82 -4.01 15.65
C ASN B 66 -18.83 -4.76 16.51
N HIS B 67 -19.36 -4.04 17.50
CA HIS B 67 -20.41 -4.67 18.32
C HIS B 67 -21.67 -4.98 17.48
N ASP B 68 -22.08 -4.03 16.64
CA ASP B 68 -23.30 -4.18 15.83
C ASP B 68 -23.20 -5.36 14.86
N TYR B 69 -22.04 -5.51 14.25
CA TYR B 69 -21.83 -6.56 13.24
C TYR B 69 -21.46 -7.89 13.88
N GLY B 70 -21.21 -7.88 15.18
CA GLY B 70 -20.81 -9.13 15.87
C GLY B 70 -19.44 -9.68 15.51
N ILE B 71 -18.52 -8.81 15.19
CA ILE B 71 -17.23 -9.27 14.68
C ILE B 71 -16.46 -10.17 15.65
N GLN B 72 -16.32 -9.73 16.90
CA GLN B 72 -15.45 -10.47 17.84
C GLN B 72 -16.12 -11.76 18.26
N LYS B 73 -17.43 -11.65 18.32
CA LYS B 73 -18.31 -12.77 18.63
C LYS B 73 -18.19 -13.98 17.70
N TYR B 74 -18.13 -13.71 16.42
CA TYR B 74 -18.03 -14.75 15.42
C TYR B 74 -16.60 -15.07 15.05
N LEU B 75 -15.70 -14.11 15.25
CA LEU B 75 -14.30 -14.32 14.94
C LEU B 75 -13.57 -14.61 16.23
N GLN B 76 -12.55 -13.84 16.57
N GLN B 76 -12.62 -13.77 16.58
CA GLN B 76 -11.96 -13.85 17.93
CA GLN B 76 -11.87 -13.86 17.85
C GLN B 76 -11.53 -12.43 18.21
C GLN B 76 -11.51 -12.43 18.20
N LYS B 77 -11.03 -12.24 19.42
CA LYS B 77 -10.84 -10.87 19.94
C LYS B 77 -9.79 -10.03 19.21
N GLU B 78 -8.91 -10.72 18.51
CA GLU B 78 -7.84 -10.04 17.79
C GLU B 78 -8.29 -9.40 16.50
N TYR B 79 -9.44 -9.83 15.98
CA TYR B 79 -9.93 -9.33 14.70
C TYR B 79 -10.92 -8.18 14.91
N TRP B 80 -10.65 -7.09 14.20
CA TRP B 80 -11.46 -5.88 14.30
C TRP B 80 -11.76 -5.37 12.90
N ALA B 81 -13.05 -5.16 12.64
CA ALA B 81 -13.47 -4.49 11.42
C ALA B 81 -13.16 -3.01 11.45
N PHE B 82 -12.68 -2.51 10.30
CA PHE B 82 -12.33 -1.09 10.16
C PHE B 82 -13.06 -0.41 9.03
N GLY B 83 -13.79 -1.17 8.26
CA GLY B 83 -14.54 -0.60 7.13
C GLY B 83 -15.29 -1.68 6.40
N ASP B 85 -17.63 -2.66 2.37
CA ASP B 85 -18.17 -2.35 1.04
C ASP B 85 -19.42 -3.18 0.92
N GLY B 86 -20.53 -2.62 1.36
CA GLY B 86 -21.80 -3.36 1.36
C GLY B 86 -21.77 -4.57 2.24
N ASP B 87 -21.97 -5.74 1.64
CA ASP B 87 -21.97 -7.00 2.36
C ASP B 87 -20.59 -7.34 2.91
N ILE B 88 -19.56 -6.78 2.32
CA ILE B 88 -18.18 -7.16 2.63
C ILE B 88 -17.65 -6.28 3.77
N GLY B 89 -17.06 -6.93 4.77
CA GLY B 89 -16.30 -6.24 5.81
C GLY B 89 -14.83 -6.36 5.64
N TYR B 90 -14.11 -5.30 5.95
CA TYR B 90 -12.66 -5.28 5.95
C TYR B 90 -12.19 -5.34 7.39
N ILE B 91 -11.36 -6.32 7.68
CA ILE B 91 -10.96 -6.66 9.04
C ILE B 91 -9.47 -6.63 9.13
N LEU B 92 -8.98 -6.25 10.31
CA LEU B 92 -7.55 -6.33 10.57
C LEU B 92 -7.32 -7.18 11.80
N HIS B 93 -6.12 -7.74 11.87
CA HIS B 93 -5.66 -8.45 13.07
C HIS B 93 -4.81 -7.49 13.88
N LEU B 94 -5.18 -7.32 15.18
CA LEU B 94 -4.53 -6.30 16.00
C LEU B 94 -3.08 -6.56 16.29
N SER B 95 -2.69 -7.81 16.26
CA SER B 95 -1.31 -8.20 16.59
C SER B 95 -0.38 -8.23 15.39
N ASP B 96 -0.77 -8.91 14.32
CA ASP B 96 0.12 -9.11 13.20
C ASP B 96 -0.17 -8.22 11.99
N ASN B 97 -1.20 -7.37 12.12
CA ASN B 97 -1.53 -6.30 11.16
C ASN B 97 -2.22 -6.81 9.91
N SER B 98 -2.40 -8.11 9.77
CA SER B 98 -2.96 -8.69 8.54
C SER B 98 -4.40 -8.17 8.28
N ILE B 99 -4.76 -8.13 7.00
CA ILE B 99 -6.03 -7.60 6.50
C ILE B 99 -6.78 -8.67 5.76
N TYR B 100 -8.09 -8.72 6.04
CA TYR B 100 -9.00 -9.73 5.48
C TYR B 100 -10.31 -9.10 5.01
N ARG B 101 -10.93 -9.81 4.09
CA ARG B 101 -12.34 -9.58 3.70
C ARG B 101 -13.21 -10.67 4.24
N VAL B 102 -14.40 -10.27 4.68
CA VAL B 102 -15.41 -11.22 5.20
C VAL B 102 -16.76 -10.82 4.65
N ASP B 103 -17.67 -11.77 4.63
CA ASP B 103 -19.08 -11.47 4.37
C ASP B 103 -19.71 -11.19 5.73
N LEU B 104 -20.10 -9.95 5.95
CA LEU B 104 -20.66 -9.55 7.24
C LEU B 104 -21.94 -10.33 7.55
N GLY B 105 -22.54 -10.91 6.54
CA GLY B 105 -23.81 -11.63 6.74
C GLY B 105 -23.59 -13.11 6.94
N ASP B 106 -22.33 -13.51 6.89
CA ASP B 106 -21.93 -14.90 7.11
C ASP B 106 -20.52 -15.01 7.70
N LEU B 107 -20.38 -14.48 8.90
CA LEU B 107 -19.09 -14.40 9.57
C LEU B 107 -18.70 -15.76 10.09
N ASP B 108 -17.49 -16.15 9.78
CA ASP B 108 -16.95 -17.46 10.08
C ASP B 108 -15.42 -17.38 10.03
N ILE B 109 -14.82 -17.73 11.14
CA ILE B 109 -13.36 -17.67 11.24
C ILE B 109 -12.69 -18.48 10.11
N THR B 110 -13.35 -19.54 9.69
CA THR B 110 -12.74 -20.43 8.69
C THR B 110 -12.79 -19.86 7.30
N SER B 111 -13.58 -18.80 7.14
CA SER B 111 -13.85 -18.27 5.82
C SER B 111 -13.27 -16.87 5.59
N ILE B 112 -12.63 -16.28 6.59
CA ILE B 112 -12.02 -14.94 6.36
C ILE B 112 -10.96 -15.06 5.24
N LYS B 113 -10.96 -14.10 4.33
CA LYS B 113 -10.11 -14.12 3.16
C LYS B 113 -8.96 -13.13 3.34
N TYR B 114 -7.75 -13.65 3.48
CA TYR B 114 -6.54 -12.84 3.55
C TYR B 114 -6.30 -12.07 2.28
N ILE B 115 -6.08 -10.77 2.44
CA ILE B 115 -5.79 -9.95 1.25
C ILE B 115 -4.49 -9.20 1.38
N ALA B 116 -3.95 -8.92 2.57
CA ALA B 116 -2.71 -8.09 2.64
C ALA B 116 -2.05 -8.17 4.00
N PRO B 117 -0.72 -8.02 4.05
CA PRO B 117 -0.07 -8.18 5.35
C PRO B 117 -0.18 -6.99 6.28
N SER B 118 -0.60 -5.85 5.73
CA SER B 118 -0.71 -4.66 6.53
C SER B 118 -1.62 -3.65 5.82
N PHE B 119 -1.93 -2.58 6.52
CA PHE B 119 -2.87 -1.58 6.05
C PHE B 119 -2.36 -0.88 4.78
N ASP B 120 -1.10 -0.45 4.81
CA ASP B 120 -0.57 0.30 3.66
C ASP B 120 -0.45 -0.58 2.45
N ASP B 121 -0.12 -1.85 2.68
CA ASP B 121 -0.07 -2.85 1.62
C ASP B 121 -1.43 -3.03 0.95
N PHE B 122 -2.48 -3.14 1.79
CA PHE B 122 -3.85 -3.14 1.33
C PHE B 122 -4.16 -1.95 0.42
N LEU B 123 -3.83 -0.75 0.89
CA LEU B 123 -4.13 0.46 0.14
C LEU B 123 -3.47 0.43 -1.23
N GLY B 124 -2.23 -0.08 -1.24
CA GLY B 124 -1.47 -0.13 -2.48
C GLY B 124 -1.98 -1.17 -3.45
N LYS B 125 -2.27 -2.37 -2.95
CA LYS B 125 -2.89 -3.39 -3.75
C LYS B 125 -4.17 -2.88 -4.41
N ALA B 126 -4.94 -2.13 -3.65
CA ALA B 126 -6.25 -1.73 -4.13
C ALA B 126 -6.22 -1.01 -5.49
N ILE B 127 -5.12 -0.35 -5.81
N ILE B 127 -5.12 -0.31 -5.77
CA ILE B 127 -5.11 0.44 -7.03
CA ILE B 127 -5.07 0.46 -7.01
C ILE B 127 -5.09 -0.46 -8.24
C ILE B 127 -5.05 -0.43 -8.23
N TYR B 128 -4.55 -1.65 -8.09
CA TYR B 128 -4.38 -2.52 -9.22
C TYR B 128 -4.96 -3.89 -9.13
N LEU B 129 -5.56 -4.19 -7.98
N LEU B 129 -5.51 -4.21 -7.96
CA LEU B 129 -6.18 -5.49 -7.79
CA LEU B 129 -6.16 -5.50 -7.76
C LEU B 129 -7.61 -5.34 -7.32
C LEU B 129 -7.62 -5.27 -7.39
N ASN B 130 -8.53 -5.98 -8.04
CA ASN B 130 -9.94 -5.90 -7.68
C ASN B 130 -10.23 -6.97 -6.65
N PHE B 131 -10.52 -6.58 -5.42
CA PHE B 131 -10.67 -7.53 -4.31
C PHE B 131 -11.94 -8.40 -4.48
N ASN B 132 -12.84 -8.02 -5.37
CA ASN B 132 -14.07 -8.83 -5.69
C ASN B 132 -13.75 -9.93 -6.64
N LYS B 133 -12.52 -9.83 -7.16
CA LYS B 133 -11.90 -10.70 -8.17
C LYS B 133 -12.57 -10.62 -9.53
#